data_5O62
#
_entry.id   5O62
#
_cell.length_a   84.016
_cell.length_b   84.016
_cell.length_c   67.445
_cell.angle_alpha   90.00
_cell.angle_beta   90.00
_cell.angle_gamma   120.00
#
_symmetry.space_group_name_H-M   'P 31 2 1'
#
loop_
_entity.id
_entity.type
_entity.pdbx_description
1 polymer 'RNA (41-MER)'
2 non-polymer N-ETHYLGUANIDINE
3 non-polymer 'MAGNESIUM ION'
4 water water
#
_entity_poly.entity_id   1
_entity_poly.type   'polyribonucleotide'
_entity_poly.pdbx_seq_one_letter_code
;C(CBV)GGACGAGGUGCGCCGUACCCGGUCAGGACAAGACGG(CBV)GC
;
_entity_poly.pdbx_strand_id   A,B
#
loop_
_chem_comp.id
_chem_comp.type
_chem_comp.name
_chem_comp.formula
A RNA linking ADENOSINE-5'-MONOPHOSPHATE 'C10 H14 N5 O7 P'
C RNA linking CYTIDINE-5'-MONOPHOSPHATE 'C9 H14 N3 O8 P'
CBV RNA linking '5-BROMOCYTIDINE 5'-(DIHYDROGEN PHOSPHATE)' 'C9 H13 Br N3 O8 P'
EGD non-polymer N-ETHYLGUANIDINE 'C3 H9 N3'
G RNA linking GUANOSINE-5'-MONOPHOSPHATE 'C10 H14 N5 O8 P'
MG non-polymer 'MAGNESIUM ION' 'Mg 2'
U RNA linking URIDINE-5'-MONOPHOSPHATE 'C9 H13 N2 O9 P'
#
# COMPACT_ATOMS: atom_id res chain seq x y z
O3P CBV A 2 20.55 5.47 5.73
P CBV A 2 19.07 5.16 5.72
O1P CBV A 2 18.47 5.06 7.10
O2P CBV A 2 18.58 6.26 4.79
O5' CBV A 2 18.80 3.82 4.90
C5' CBV A 2 19.41 3.60 3.64
C4' CBV A 2 19.27 2.17 3.17
O4' CBV A 2 20.06 1.28 4.00
C3' CBV A 2 17.87 1.59 3.22
O3' CBV A 2 17.05 2.00 2.15
C2' CBV A 2 18.15 0.09 3.23
O2' CBV A 2 18.54 -0.34 1.94
C1' CBV A 2 19.39 0.04 4.14
N1 CBV A 2 18.96 -0.13 5.54
C2 CBV A 2 18.52 -1.47 5.94
O2 CBV A 2 18.58 -2.34 5.15
N3 CBV A 2 18.05 -1.74 7.31
C4 CBV A 2 18.00 -0.65 8.26
N4 CBV A 2 17.52 -0.89 9.62
C5 CBV A 2 18.42 0.71 7.86
C6 CBV A 2 18.89 0.97 6.47
BR CBV A 2 18.33 2.14 9.14
H5'1 CBV A 2 19.01 4.19 2.98
H5'2 CBV A 2 20.36 3.81 3.71
H4' CBV A 2 19.59 2.11 2.25
H3' CBV A 2 17.45 1.84 4.06
HO3' CBV A 2 17.29 1.59 1.44
H2' CBV A 2 17.41 -0.42 3.60
HO2' CBV A 2 19.08 -0.98 2.01
H1' CBV A 2 19.97 -0.69 3.87
HN41 CBV A 2 17.28 -1.68 9.86
HN42 CBV A 2 17.50 -0.25 10.19
H6 CBV A 2 19.17 1.82 6.21
O3P CBV A 39 -1.95 16.93 13.26
P CBV A 39 -3.34 17.25 12.86
O1P CBV A 39 -4.34 16.67 13.82
O2P CBV A 39 -3.21 18.75 12.65
O5' CBV A 39 -3.70 16.70 11.40
C5' CBV A 39 -2.87 17.09 10.32
C4' CBV A 39 -3.37 16.49 9.04
O4' CBV A 39 -3.30 15.04 9.09
C3' CBV A 39 -4.83 16.72 8.74
O3' CBV A 39 -5.06 18.04 8.28
C2' CBV A 39 -5.12 15.64 7.72
O2' CBV A 39 -4.54 15.95 6.44
C1' CBV A 39 -4.34 14.49 8.32
N1 CBV A 39 -5.20 13.69 9.20
C2 CBV A 39 -6.20 12.78 8.59
O2 CBV A 39 -6.31 12.69 7.40
N3 CBV A 39 -7.04 11.96 9.45
C4 CBV A 39 -6.92 12.05 10.87
N4 CBV A 39 -7.79 11.23 11.71
C5 CBV A 39 -5.94 12.98 11.46
C6 CBV A 39 -5.09 13.82 10.61
BR CBV A 39 -5.82 13.20 13.38
H5'1 CBV A 39 -2.88 18.06 10.24
H5'2 CBV A 39 -1.97 16.79 10.48
H4' CBV A 39 -2.83 16.81 8.30
H3' CBV A 39 -5.36 16.57 9.54
HO3' CBV A 39 -5.89 18.23 8.40
H2' CBV A 39 -6.07 15.45 7.65
HO2' CBV A 39 -3.74 15.66 6.42
H1' CBV A 39 -3.97 13.93 7.61
HN41 CBV A 39 -8.36 10.71 11.34
HN42 CBV A 39 -7.75 11.30 12.56
H6 CBV A 39 -4.47 14.41 10.99
O3P CBV B 2 -16.38 -5.07 -8.14
P CBV B 2 -17.55 -4.37 -7.50
O1P CBV B 2 -17.56 -5.43 -6.41
O2P CBV B 2 -16.72 -3.11 -7.60
O5' CBV B 2 -18.47 -4.73 -8.75
C5' CBV B 2 -19.67 -5.47 -8.60
C4' CBV B 2 -20.25 -5.78 -9.95
O4' CBV B 2 -20.69 -4.55 -10.57
C3' CBV B 2 -19.26 -6.35 -10.95
O3' CBV B 2 -19.08 -7.75 -10.79
C2' CBV B 2 -19.86 -5.97 -12.29
O2' CBV B 2 -20.86 -6.90 -12.69
C1' CBV B 2 -20.52 -4.62 -11.97
N1 CBV B 2 -19.70 -3.47 -12.40
C2 CBV B 2 -19.81 -2.92 -13.78
O2 CBV B 2 -20.57 -3.39 -14.55
N3 CBV B 2 -18.98 -1.76 -14.18
C4 CBV B 2 -18.07 -1.15 -13.25
N4 CBV B 2 -17.28 -0.02 -13.70
C5 CBV B 2 -17.94 -1.70 -11.86
C6 CBV B 2 -18.77 -2.86 -11.46
BR CBV B 2 -16.72 -0.94 -10.56
H5'1 CBV B 2 -20.31 -4.94 -8.09
H5'2 CBV B 2 -19.48 -6.29 -8.13
H4' CBV B 2 -21.00 -6.38 -9.86
H3' CBV B 2 -18.40 -5.90 -10.84
HO3' CBV B 2 -19.16 -8.13 -11.54
H2' CBV B 2 -19.17 -5.86 -12.97
HO2' CBV B 2 -20.65 -7.22 -13.44
H1' CBV B 2 -21.39 -4.59 -12.40
HN41 CBV B 2 -16.72 0.36 -13.16
HN42 CBV B 2 -17.37 0.27 -14.51
H6 CBV B 2 -18.70 -3.21 -10.60
O3P CBV B 39 7.61 -11.56 -5.07
P CBV B 39 6.39 -10.73 -5.40
O1P CBV B 39 6.05 -11.00 -3.95
O2P CBV B 39 7.36 -9.75 -6.07
O5' CBV B 39 5.81 -11.82 -6.40
C5' CBV B 39 4.74 -12.67 -6.01
C4' CBV B 39 4.47 -13.74 -7.04
O4' CBV B 39 4.03 -13.16 -8.31
C3' CBV B 39 5.64 -14.61 -7.45
O3' CBV B 39 5.96 -15.59 -6.49
C2' CBV B 39 5.14 -15.21 -8.76
O2' CBV B 39 4.16 -16.20 -8.53
C1' CBV B 39 4.44 -13.99 -9.38
N1 CBV B 39 5.38 -13.23 -10.21
C2 CBV B 39 5.73 -13.78 -11.54
O2 CBV B 39 5.24 -14.79 -11.90
N3 CBV B 39 6.71 -13.06 -12.38
C4 CBV B 39 7.29 -11.82 -11.93
N4 CBV B 39 8.23 -11.10 -12.76
C5 CBV B 39 6.95 -11.28 -10.59
C6 CBV B 39 5.99 -12.01 -9.73
BR CBV B 39 7.74 -9.63 -9.99
H5'1 CBV B 39 4.95 -13.09 -5.17
H5'2 CBV B 39 3.94 -12.13 -5.91
H4' CBV B 39 3.76 -14.32 -6.71
H3' CBV B 39 6.41 -14.05 -7.63
HO3' CBV B 39 6.72 -15.41 -6.15
H2' CBV B 39 5.87 -15.52 -9.32
HO2' CBV B 39 3.84 -16.47 -9.28
H1' CBV B 39 3.68 -14.27 -9.89
HN41 CBV B 39 8.44 -11.42 -13.53
HN42 CBV B 39 8.58 -10.38 -12.48
H6 CBV B 39 5.76 -11.66 -8.89
CG EGD C . -0.70 3.63 7.73
CD EGD C . -1.73 2.89 8.58
NE EGD C . -1.20 2.80 9.93
CZ EGD C . -1.70 1.81 10.86
NH1 EGD C . -2.60 1.02 10.51
NH2 EGD C . -1.11 1.79 12.18
HG1 EGD C . -1.01 3.69 6.81
HG2 EGD C . 0.15 3.16 7.75
HG3 EGD C . -0.57 4.53 8.08
HD1 EGD C . -2.57 3.39 8.59
HD2 EGD C . -1.88 2.00 8.23
HNE EGD C . -0.58 3.34 10.17
HH1 EGD C . -2.90 0.42 11.09
HH21 EGD C . -0.50 2.35 12.39
HH22 EGD C . -1.38 1.22 12.76
MG MG D . -0.67 -10.58 9.32
#